data_3BNS
#
_entry.id   3BNS
#
_cell.length_a   72.670
_cell.length_b   77.120
_cell.length_c   56.490
_cell.angle_alpha   90.000
_cell.angle_beta   115.680
_cell.angle_gamma   90.000
#
_symmetry.space_group_name_H-M   'C 1 2 1'
#
loop_
_entity.id
_entity.type
_entity.pdbx_description
1 polymer 'A site of human mitochondrial ribosome, chain three'
2 polymer 'A site of human mitochondrial ribosome, chain two'
3 polymer 'A site of human mitochondrial ribosome, chain three'
4 non-polymer 'POTASSIUM ION'
5 water water
#
loop_
_entity_poly.entity_id
_entity_poly.type
_entity_poly.pdbx_seq_one_letter_code
_entity_poly.pdbx_strand_id
1 'polyribonucleotide' UUGCGUCACC(5BU)CGAGCAAGUCGC A,C
2 'polyribonucleotide' UGCGUCACC(5BU)CGAGCAAGUCGC B
3 'polyribonucleotide' GCGUCACC(5BU)CGAGCAAGUCGC D
#